data_4RWR
#
_entry.id   4RWR
#
_cell.length_a   46.616
_cell.length_b   144.477
_cell.length_c   47.076
_cell.angle_alpha   90.00
_cell.angle_beta   115.36
_cell.angle_gamma   90.00
#
_symmetry.space_group_name_H-M   'P 1 21 1'
#
loop_
_entity.id
_entity.type
_entity.pdbx_description
1 polymer 'Stage II sporulation protein D'
2 water water
#
_entity_poly.entity_id   1
_entity_poly.type   'polypeptide(L)'
_entity_poly.pdbx_seq_one_letter_code
;(MSE)HHHHHHSSGVDLGTENLYFQSNAKVGEKAASKTPPAIESIPAPGKVDTAVQVAVYREKQKKVESLP(MSE)EEYV
TGVVASE(MSE)NASFEIEALKAQALAARTFVVQR(MSE)LSGGKKNNADVTDTVKDQVYKSKEELKKQWGNNYENNLKK
IEEAVSKTAGQVLTYEGKPISASFFSTSNGRTENAADYWGNDYPYLKSVDSPWDQASPKFTSEQIFTVADFQKRLGVKVL
ADGKVGDIKGRTEGKRVKDVAFQGKTLTGRDVRDKLELRSSDFTWKQEGDKIVVTTKGFGHGVG(MSE)SQYGANG
(MSE)AAEGKKYTDIVAHYYKGVEIKT(MSE)NDYEGKL(MSE)VKK
;
_entity_poly.pdbx_strand_id   A,B
#
# COMPACT_ATOMS: atom_id res chain seq x y z
N VAL A 55 16.09 -47.81 26.13
CA VAL A 55 16.26 -46.43 25.57
C VAL A 55 16.46 -45.36 26.64
N TYR A 56 17.62 -44.75 26.64
CA TYR A 56 17.89 -43.67 27.58
C TYR A 56 17.10 -42.43 27.12
N ARG A 57 16.05 -42.06 27.86
CA ARG A 57 15.23 -40.89 27.52
C ARG A 57 15.70 -39.63 28.21
N GLU A 58 15.88 -38.59 27.41
CA GLU A 58 16.32 -37.32 27.93
C GLU A 58 15.30 -36.84 28.98
N LYS A 59 15.82 -36.39 30.12
CA LYS A 59 14.99 -35.97 31.22
C LYS A 59 14.33 -34.61 31.01
N GLN A 60 15.05 -33.65 30.41
CA GLN A 60 14.51 -32.31 30.15
C GLN A 60 13.94 -32.24 28.75
N LYS A 61 12.92 -31.40 28.58
CA LYS A 61 12.30 -31.20 27.26
C LYS A 61 13.22 -30.29 26.44
N LYS A 62 13.81 -30.82 25.37
CA LYS A 62 14.72 -30.05 24.53
C LYS A 62 14.26 -30.09 23.09
N VAL A 63 14.54 -29.01 22.35
CA VAL A 63 14.18 -28.90 20.92
C VAL A 63 15.37 -28.26 20.24
N GLU A 64 15.99 -29.00 19.33
CA GLU A 64 17.18 -28.52 18.65
C GLU A 64 18.18 -28.01 19.67
N SER A 65 18.48 -28.87 20.62
CA SER A 65 19.46 -28.64 21.68
C SER A 65 19.14 -27.55 22.70
N LEU A 66 17.94 -26.99 22.67
CA LEU A 66 17.58 -25.91 23.60
C LEU A 66 16.43 -26.30 24.51
N PRO A 67 16.33 -25.68 25.70
CA PRO A 67 15.15 -25.92 26.54
C PRO A 67 13.90 -25.54 25.74
N GLU A 69 10.99 -24.14 26.35
CA GLU A 69 10.50 -22.79 26.50
C GLU A 69 11.41 -21.75 25.81
N GLU A 70 12.73 -21.96 25.86
N GLU A 70 12.73 -21.99 25.84
CA GLU A 70 13.65 -21.05 25.16
CA GLU A 70 13.68 -21.10 25.17
C GLU A 70 13.45 -21.16 23.65
C GLU A 70 13.50 -21.18 23.66
N TYR A 71 13.19 -22.37 23.16
CA TYR A 71 12.93 -22.54 21.72
C TYR A 71 11.67 -21.71 21.37
N VAL A 72 10.62 -21.84 22.18
CA VAL A 72 9.37 -21.08 21.96
C VAL A 72 9.65 -19.57 21.91
N THR A 73 10.46 -19.09 22.85
CA THR A 73 10.90 -17.69 22.86
C THR A 73 11.51 -17.28 21.51
N GLY A 74 12.36 -18.15 20.97
CA GLY A 74 12.99 -17.91 19.67
C GLY A 74 11.96 -17.88 18.54
N VAL A 75 11.02 -18.81 18.54
CA VAL A 75 9.99 -18.84 17.50
C VAL A 75 9.12 -17.58 17.52
N VAL A 76 8.72 -17.14 18.71
CA VAL A 76 7.88 -15.93 18.86
C VAL A 76 8.59 -14.69 18.32
N ALA A 77 9.85 -14.54 18.69
CA ALA A 77 10.69 -13.44 18.22
C ALA A 77 10.95 -13.51 16.73
N SER A 78 10.94 -14.69 16.15
CA SER A 78 11.16 -14.84 14.72
C SER A 78 9.89 -14.52 13.96
N GLU A 79 8.73 -14.69 14.59
CA GLU A 79 7.45 -14.55 13.92
C GLU A 79 6.63 -13.31 14.19
N ASN A 81 6.46 -9.17 15.64
N ASN A 81 6.44 -9.18 15.66
CA ASN A 81 7.20 -7.98 16.05
CA ASN A 81 7.17 -7.97 16.01
C ASN A 81 7.20 -7.81 17.54
C ASN A 81 7.19 -7.75 17.52
N ALA A 82 8.38 -7.56 18.08
CA ALA A 82 8.57 -7.36 19.51
C ALA A 82 7.82 -6.16 20.09
N SER A 83 7.59 -5.13 19.28
CA SER A 83 6.89 -3.94 19.74
C SER A 83 5.38 -4.17 19.98
N PHE A 84 4.87 -5.31 19.55
CA PHE A 84 3.46 -5.64 19.77
C PHE A 84 3.11 -5.79 21.25
N GLU A 85 1.84 -5.59 21.54
CA GLU A 85 1.31 -5.69 22.89
C GLU A 85 1.67 -7.05 23.48
N ILE A 86 1.86 -7.07 24.80
CA ILE A 86 2.24 -8.29 25.52
C ILE A 86 1.17 -9.41 25.41
N GLU A 87 -0.11 -9.05 25.47
CA GLU A 87 -1.16 -10.06 25.35
C GLU A 87 -1.17 -10.71 23.96
N ALA A 88 -0.76 -9.96 22.93
CA ALA A 88 -0.67 -10.48 21.55
C ALA A 88 0.51 -11.45 21.41
N LEU A 89 1.59 -11.15 22.11
CA LEU A 89 2.77 -12.02 22.12
C LEU A 89 2.46 -13.32 22.89
N LYS A 90 1.69 -13.21 23.98
CA LYS A 90 1.23 -14.37 24.73
C LYS A 90 0.38 -15.24 23.82
N ALA A 91 -0.48 -14.64 23.03
CA ALA A 91 -1.28 -15.43 22.08
C ALA A 91 -0.38 -16.15 21.07
N GLN A 92 0.64 -15.46 20.56
CA GLN A 92 1.58 -16.06 19.59
C GLN A 92 2.40 -17.20 20.23
N ALA A 93 2.68 -17.10 21.53
CA ALA A 93 3.41 -18.16 22.25
C ALA A 93 2.58 -19.44 22.33
N LEU A 94 1.28 -19.33 22.58
CA LEU A 94 0.44 -20.53 22.56
C LEU A 94 0.46 -21.19 21.20
N ALA A 95 0.42 -20.39 20.15
CA ALA A 95 0.40 -20.88 18.77
C ALA A 95 1.71 -21.57 18.38
N ALA A 96 2.84 -21.01 18.82
CA ALA A 96 4.15 -21.57 18.55
C ALA A 96 4.36 -22.83 19.37
N ARG A 97 3.93 -22.79 20.64
CA ARG A 97 4.10 -23.95 21.49
C ARG A 97 3.21 -25.08 20.97
N THR A 98 2.02 -24.75 20.48
CA THR A 98 1.09 -25.75 19.94
C THR A 98 1.76 -26.50 18.77
N PHE A 99 2.39 -25.79 17.85
CA PHE A 99 3.09 -26.46 16.73
C PHE A 99 4.29 -27.29 17.26
N VAL A 100 5.01 -26.77 18.26
CA VAL A 100 6.19 -27.51 18.79
C VAL A 100 5.76 -28.87 19.38
N VAL A 101 4.86 -28.85 20.35
N VAL A 101 4.87 -28.88 20.36
CA VAL A 101 4.38 -30.09 20.95
CA VAL A 101 4.43 -30.14 20.94
C VAL A 101 3.89 -31.08 19.89
C VAL A 101 3.92 -31.09 19.86
N GLN A 102 3.17 -30.58 18.88
CA GLN A 102 2.67 -31.45 17.82
C GLN A 102 3.83 -32.11 17.09
N ARG A 103 4.82 -31.32 16.66
CA ARG A 103 6.02 -31.89 16.02
C ARG A 103 6.65 -33.00 16.85
N LEU A 105 5.43 -34.80 19.28
CA LEU A 105 4.58 -35.98 19.50
C LEU A 105 4.39 -36.85 18.26
N SER A 106 4.93 -36.43 17.12
CA SER A 106 4.75 -37.19 15.89
C SER A 106 6.07 -37.42 15.15
N GLY A 107 7.10 -37.80 15.89
CA GLY A 107 8.41 -38.12 15.30
C GLY A 107 9.50 -37.12 15.55
N GLY A 108 9.16 -35.92 16.00
CA GLY A 108 10.16 -34.89 16.24
C GLY A 108 10.59 -34.25 14.94
N LYS A 109 9.81 -34.48 13.88
CA LYS A 109 10.05 -33.88 12.56
C LYS A 109 10.11 -32.36 12.67
N LYS A 110 10.67 -31.70 11.66
CA LYS A 110 10.82 -30.25 11.72
C LYS A 110 9.61 -29.45 11.20
N ASN A 111 8.78 -30.05 10.35
CA ASN A 111 7.63 -29.36 9.77
C ASN A 111 6.36 -29.36 10.61
N ASN A 112 5.72 -28.20 10.69
CA ASN A 112 4.47 -28.01 11.44
C ASN A 112 3.31 -28.70 10.74
N ALA A 113 2.30 -29.11 11.52
CA ALA A 113 1.08 -29.71 10.97
C ALA A 113 0.10 -28.54 10.70
N ASP A 114 0.46 -27.71 9.74
CA ASP A 114 -0.30 -26.53 9.42
C ASP A 114 -1.19 -26.85 8.23
N VAL A 115 -2.45 -26.45 8.34
N VAL A 115 -2.47 -26.49 8.31
CA VAL A 115 -3.44 -26.62 7.29
CA VAL A 115 -3.36 -26.74 7.18
C VAL A 115 -3.06 -25.82 6.05
C VAL A 115 -3.00 -25.86 6.00
N THR A 116 -2.27 -24.77 6.26
CA THR A 116 -1.84 -23.87 5.19
C THR A 116 -0.49 -24.29 4.60
N ASP A 117 -0.20 -23.82 3.38
CA ASP A 117 1.06 -24.12 2.69
C ASP A 117 2.17 -23.28 3.28
N THR A 118 3.31 -23.90 3.63
CA THR A 118 4.43 -23.16 4.22
C THR A 118 5.76 -23.71 3.69
N ASP A 121 7.65 -24.32 6.78
CA ASP A 121 8.98 -24.04 7.32
C ASP A 121 9.43 -22.60 7.04
N GLN A 122 10.09 -21.99 8.02
CA GLN A 122 10.60 -20.63 7.88
C GLN A 122 11.69 -20.33 8.93
N VAL A 123 12.42 -19.25 8.71
CA VAL A 123 13.56 -18.84 9.55
C VAL A 123 13.39 -18.75 11.07
N TYR A 124 14.43 -19.21 11.78
CA TYR A 124 14.53 -19.13 13.22
C TYR A 124 15.65 -18.11 13.39
N LYS A 125 15.29 -16.84 13.59
CA LYS A 125 16.30 -15.76 13.68
C LYS A 125 17.35 -15.96 14.76
N SER A 126 18.59 -15.62 14.42
CA SER A 126 19.71 -15.72 15.34
C SER A 126 19.83 -14.42 16.08
N LYS A 127 20.55 -14.45 17.20
CA LYS A 127 20.77 -13.26 18.03
C LYS A 127 21.40 -12.14 17.20
N GLU A 128 22.39 -12.49 16.40
CA GLU A 128 23.06 -11.53 15.53
C GLU A 128 22.00 -10.70 14.80
N GLU A 129 21.04 -11.37 14.16
CA GLU A 129 20.00 -10.67 13.39
C GLU A 129 18.82 -10.09 14.21
N LEU A 130 18.61 -10.54 15.43
CA LEU A 130 17.58 -9.94 16.28
C LEU A 130 18.10 -8.61 16.84
N LYS A 131 19.43 -8.47 16.90
CA LYS A 131 20.03 -7.20 17.35
C LYS A 131 19.91 -6.15 16.25
N LYS A 132 20.00 -6.60 15.01
CA LYS A 132 19.87 -5.69 13.88
C LYS A 132 18.41 -5.31 13.69
N GLN A 133 17.49 -6.22 14.01
CA GLN A 133 16.06 -5.94 13.90
C GLN A 133 15.57 -5.05 15.03
N TRP A 134 16.01 -5.36 16.25
CA TRP A 134 15.58 -4.58 17.41
C TRP A 134 16.54 -3.46 17.75
N GLY A 135 17.61 -3.30 16.97
CA GLY A 135 18.58 -2.25 17.22
C GLY A 135 19.08 -2.27 18.65
N ASN A 136 18.90 -1.16 19.35
CA ASN A 136 19.35 -1.03 20.74
C ASN A 136 18.33 -1.59 21.73
N ASN A 137 17.04 -1.51 21.40
CA ASN A 137 15.98 -2.03 22.27
C ASN A 137 16.03 -3.54 22.48
N TYR A 138 17.01 -4.20 21.85
CA TYR A 138 17.20 -5.64 21.95
C TYR A 138 16.92 -6.24 23.33
N GLU A 139 17.51 -5.64 24.35
CA GLU A 139 17.42 -6.16 25.70
C GLU A 139 15.98 -6.16 26.23
N ASN A 140 15.29 -5.02 26.10
CA ASN A 140 13.92 -4.89 26.59
C ASN A 140 12.94 -5.78 25.83
N ASN A 141 13.13 -5.89 24.52
CA ASN A 141 12.28 -6.76 23.69
C ASN A 141 12.48 -8.22 24.08
N LEU A 142 13.73 -8.61 24.28
CA LEU A 142 14.02 -9.99 24.64
C LEU A 142 13.25 -10.37 25.89
N LYS A 143 13.35 -9.52 26.92
CA LYS A 143 12.68 -9.77 28.19
C LYS A 143 11.16 -9.76 28.08
N LYS A 144 10.63 -8.98 27.16
CA LYS A 144 9.20 -8.90 26.94
C LYS A 144 8.69 -10.26 26.43
N ILE A 145 9.36 -10.76 25.40
CA ILE A 145 9.01 -12.02 24.80
C ILE A 145 9.19 -13.17 25.80
N GLU A 146 10.22 -13.09 26.65
CA GLU A 146 10.47 -14.13 27.64
C GLU A 146 9.35 -14.18 28.66
N GLU A 147 8.89 -13.01 29.12
CA GLU A 147 7.79 -12.94 30.07
C GLU A 147 6.53 -13.56 29.46
N ALA A 148 6.24 -13.18 28.23
CA ALA A 148 5.05 -13.68 27.53
C ALA A 148 5.07 -15.20 27.45
N VAL A 149 6.25 -15.77 27.22
CA VAL A 149 6.38 -17.21 27.10
C VAL A 149 6.27 -17.86 28.46
N SER A 150 7.08 -17.42 29.42
CA SER A 150 7.06 -18.02 30.75
C SER A 150 5.68 -17.87 31.39
N LYS A 151 5.00 -16.77 31.11
CA LYS A 151 3.69 -16.52 31.71
C LYS A 151 2.67 -17.55 31.19
N THR A 152 2.90 -18.08 29.99
CA THR A 152 2.04 -19.09 29.40
C THR A 152 2.70 -20.47 29.40
N ALA A 153 3.80 -20.62 30.16
CA ALA A 153 4.57 -21.88 30.14
C ALA A 153 3.70 -23.14 30.09
N GLY A 154 4.02 -24.02 29.15
CA GLY A 154 3.31 -25.29 29.01
C GLY A 154 1.93 -25.28 28.36
N GLN A 155 1.40 -24.10 28.02
CA GLN A 155 0.05 -24.00 27.42
C GLN A 155 0.00 -24.17 25.92
N VAL A 156 -0.96 -24.98 25.49
CA VAL A 156 -1.19 -25.24 24.07
C VAL A 156 -2.67 -25.16 23.71
N LEU A 157 -2.92 -24.95 22.43
CA LEU A 157 -4.27 -24.80 21.93
C LEU A 157 -4.79 -26.12 21.42
N THR A 158 -5.95 -26.53 21.90
CA THR A 158 -6.52 -27.82 21.49
C THR A 158 -7.97 -27.74 21.04
N TYR A 159 -8.40 -28.80 20.38
CA TYR A 159 -9.79 -28.96 19.98
C TYR A 159 -10.08 -30.45 20.14
N GLU A 160 -11.14 -30.76 20.87
CA GLU A 160 -11.51 -32.14 21.14
C GLU A 160 -10.32 -32.92 21.68
N GLY A 161 -9.56 -32.30 22.58
CA GLY A 161 -8.42 -32.96 23.19
C GLY A 161 -7.10 -32.94 22.44
N LYS A 162 -7.13 -32.74 21.13
CA LYS A 162 -5.88 -32.74 20.36
C LYS A 162 -5.38 -31.35 19.96
N PRO A 163 -4.05 -31.21 19.79
CA PRO A 163 -3.50 -29.95 19.34
C PRO A 163 -4.08 -29.53 17.99
N ILE A 164 -4.32 -28.23 17.82
CA ILE A 164 -4.87 -27.74 16.57
C ILE A 164 -3.75 -27.29 15.61
N SER A 165 -4.16 -26.92 14.38
CA SER A 165 -3.31 -26.25 13.40
C SER A 165 -3.48 -24.80 13.82
N ALA A 166 -2.53 -24.27 14.59
CA ALA A 166 -2.57 -22.90 15.11
C ALA A 166 -2.08 -21.90 14.07
N SER A 167 -2.71 -21.94 12.91
CA SER A 167 -2.33 -21.11 11.78
C SER A 167 -2.43 -19.62 12.13
N PHE A 168 -1.51 -18.85 11.56
CA PHE A 168 -1.47 -17.42 11.82
C PHE A 168 -0.87 -16.74 10.61
N PHE A 169 -1.11 -15.44 10.51
CA PHE A 169 -0.63 -14.66 9.39
C PHE A 169 -0.62 -13.20 9.84
N SER A 170 0.11 -12.39 9.11
CA SER A 170 0.29 -10.98 9.48
C SER A 170 -0.93 -10.06 9.64
N THR A 171 -1.68 -9.90 8.56
CA THR A 171 -2.79 -8.93 8.50
C THR A 171 -3.95 -9.46 7.66
N SER A 172 -5.17 -9.28 8.14
CA SER A 172 -6.31 -9.75 7.35
C SER A 172 -6.74 -8.62 6.44
N ASN A 173 -7.72 -8.91 5.58
CA ASN A 173 -8.37 -7.92 4.71
C ASN A 173 -9.65 -7.43 5.37
N GLY A 174 -9.85 -7.75 6.64
CA GLY A 174 -11.08 -7.42 7.36
C GLY A 174 -11.70 -8.68 7.95
N ARG A 175 -11.34 -9.84 7.40
CA ARG A 175 -11.88 -11.11 7.87
C ARG A 175 -10.88 -12.24 7.71
N THR A 176 -11.08 -13.32 8.46
CA THR A 176 -10.25 -14.52 8.32
C THR A 176 -11.01 -15.53 7.43
N GLU A 177 -10.35 -16.63 7.10
CA GLU A 177 -10.95 -17.63 6.22
C GLU A 177 -11.43 -18.90 6.88
N ASN A 178 -12.50 -19.46 6.34
CA ASN A 178 -12.92 -20.80 6.71
C ASN A 178 -11.89 -21.76 6.13
N ALA A 179 -11.52 -22.81 6.84
CA ALA A 179 -10.61 -23.77 6.25
C ALA A 179 -11.26 -25.14 6.33
N ALA A 180 -10.96 -25.98 5.35
CA ALA A 180 -11.47 -27.33 5.30
C ALA A 180 -10.34 -28.24 4.82
N ASP A 181 -10.47 -29.54 5.06
CA ASP A 181 -9.47 -30.51 4.61
C ASP A 181 -9.58 -30.72 3.09
N TYR A 182 -8.71 -31.58 2.55
CA TYR A 182 -8.68 -31.85 1.14
C TYR A 182 -10.06 -32.22 0.54
N TRP A 183 -10.86 -32.98 1.27
CA TRP A 183 -12.18 -33.45 0.81
C TRP A 183 -13.30 -32.45 1.07
N GLY A 184 -12.98 -31.31 1.67
CA GLY A 184 -13.99 -30.28 1.95
C GLY A 184 -14.67 -30.38 3.30
N ASN A 185 -14.12 -31.17 4.22
CA ASN A 185 -14.68 -31.29 5.56
C ASN A 185 -14.11 -30.15 6.39
N ASP A 186 -14.96 -29.36 7.02
CA ASP A 186 -14.47 -28.19 7.75
C ASP A 186 -13.59 -28.48 8.95
N TYR A 187 -12.63 -27.58 9.21
CA TYR A 187 -11.85 -27.58 10.44
C TYR A 187 -12.72 -26.66 11.28
N PRO A 188 -13.35 -27.20 12.34
CA PRO A 188 -14.35 -26.39 13.08
C PRO A 188 -13.80 -25.23 13.86
N TYR A 189 -12.52 -25.24 14.19
CA TYR A 189 -11.90 -24.13 14.91
C TYR A 189 -11.26 -23.09 13.97
N LEU A 190 -11.31 -23.32 12.64
CA LEU A 190 -10.81 -22.36 11.66
C LEU A 190 -12.00 -21.83 10.85
N LYS A 191 -12.77 -20.95 11.48
CA LYS A 191 -13.96 -20.33 10.87
C LYS A 191 -13.66 -18.88 10.52
N SER A 192 -14.32 -18.39 9.48
CA SER A 192 -14.17 -17.00 9.05
C SER A 192 -14.75 -16.08 10.11
N VAL A 193 -13.90 -15.28 10.75
CA VAL A 193 -14.37 -14.31 11.74
C VAL A 193 -14.01 -12.88 11.30
N ASP A 194 -14.65 -11.94 11.96
CA ASP A 194 -14.43 -10.52 11.70
C ASP A 194 -13.10 -10.12 12.37
N SER A 195 -12.30 -9.30 11.70
CA SER A 195 -11.00 -8.85 12.25
C SER A 195 -10.86 -7.39 11.84
N PRO A 196 -11.69 -6.50 12.45
CA PRO A 196 -11.73 -5.10 12.03
C PRO A 196 -10.50 -4.27 12.37
N TRP A 197 -9.71 -4.69 13.34
CA TRP A 197 -8.52 -3.89 13.74
C TRP A 197 -7.47 -3.83 12.63
N ASP A 198 -7.51 -4.77 11.68
CA ASP A 198 -6.50 -4.81 10.62
C ASP A 198 -6.51 -3.61 9.64
N GLN A 199 -7.65 -2.93 9.57
N GLN A 199 -7.65 -2.93 9.53
CA GLN A 199 -7.85 -1.76 8.72
CA GLN A 199 -7.80 -1.80 8.62
C GLN A 199 -6.78 -0.72 8.99
C GLN A 199 -6.83 -0.65 8.99
N ALA A 200 -6.41 -0.59 10.26
CA ALA A 200 -5.46 0.39 10.69
C ALA A 200 -4.00 -0.07 10.55
N SER A 201 -3.78 -1.31 10.13
CA SER A 201 -2.41 -1.86 9.92
C SER A 201 -1.63 -1.18 8.79
N PRO A 202 -0.30 -1.02 8.98
CA PRO A 202 0.52 -0.45 7.90
C PRO A 202 0.59 -1.37 6.66
N LYS A 203 0.33 -2.66 6.85
CA LYS A 203 0.35 -3.61 5.72
C LYS A 203 -1.10 -3.98 5.30
N PHE A 204 -2.04 -3.06 5.51
CA PHE A 204 -3.43 -3.35 5.15
C PHE A 204 -3.60 -3.28 3.65
N THR A 205 -3.32 -2.14 3.05
CA THR A 205 -3.42 -2.01 1.61
C THR A 205 -2.01 -1.98 0.99
N SER A 206 -1.88 -2.53 -0.21
CA SER A 206 -0.60 -2.60 -0.90
C SER A 206 -0.82 -2.73 -2.38
N GLU A 207 0.20 -2.37 -3.14
CA GLU A 207 0.12 -2.40 -4.58
C GLU A 207 1.32 -3.11 -5.19
N GLN A 208 1.10 -3.92 -6.22
CA GLN A 208 2.15 -4.62 -6.94
C GLN A 208 1.95 -4.44 -8.43
N ILE A 209 2.99 -3.96 -9.08
CA ILE A 209 2.97 -3.67 -10.50
C ILE A 209 3.80 -4.67 -11.31
N PHE A 210 3.21 -5.10 -12.42
CA PHE A 210 3.78 -6.07 -13.35
C PHE A 210 3.61 -5.58 -14.76
N THR A 211 4.56 -5.90 -15.65
CA THR A 211 4.38 -5.58 -17.05
C THR A 211 3.36 -6.60 -17.55
N VAL A 212 2.64 -6.27 -18.61
CA VAL A 212 1.64 -7.18 -19.16
C VAL A 212 2.28 -8.48 -19.58
N ALA A 213 3.44 -8.40 -20.24
CA ALA A 213 4.15 -9.60 -20.70
C ALA A 213 4.57 -10.55 -19.56
N ASP A 214 5.08 -9.99 -18.46
CA ASP A 214 5.51 -10.79 -17.29
C ASP A 214 4.27 -11.43 -16.63
N PHE A 215 3.26 -10.59 -16.35
CA PHE A 215 2.01 -11.03 -15.77
C PHE A 215 1.43 -12.20 -16.58
N GLN A 216 1.31 -11.99 -17.89
CA GLN A 216 0.78 -13.02 -18.77
C GLN A 216 1.61 -14.30 -18.71
N LYS A 217 2.93 -14.17 -18.61
CA LYS A 217 3.76 -15.37 -18.55
C LYS A 217 3.62 -16.09 -17.21
N ARG A 218 3.73 -15.35 -16.11
CA ARG A 218 3.66 -15.98 -14.80
C ARG A 218 2.36 -16.73 -14.53
N LEU A 219 1.25 -16.25 -15.10
CA LEU A 219 -0.04 -16.90 -14.94
C LEU A 219 -0.38 -17.73 -16.18
N GLY A 220 0.43 -17.65 -17.23
CA GLY A 220 0.18 -18.39 -18.47
C GLY A 220 -1.18 -18.08 -19.05
N VAL A 221 -1.49 -16.79 -19.24
CA VAL A 221 -2.78 -16.37 -19.78
C VAL A 221 -2.59 -15.14 -20.63
N LYS A 222 -3.63 -14.79 -21.36
CA LYS A 222 -3.64 -13.61 -22.21
C LYS A 222 -4.60 -12.68 -21.47
N VAL A 223 -4.27 -11.42 -21.29
CA VAL A 223 -5.19 -10.53 -20.56
C VAL A 223 -6.43 -10.17 -21.41
N LEU A 224 -7.53 -9.83 -20.73
CA LEU A 224 -8.80 -9.44 -21.38
C LEU A 224 -8.67 -8.09 -22.07
N ALA A 225 -9.44 -7.88 -23.11
CA ALA A 225 -9.41 -6.63 -23.89
C ALA A 225 -9.97 -5.45 -23.12
N ASP A 226 -10.96 -5.73 -22.29
CA ASP A 226 -11.62 -4.71 -21.49
C ASP A 226 -10.63 -3.78 -20.80
N GLY A 227 -9.39 -4.24 -20.62
CA GLY A 227 -8.42 -3.49 -19.88
C GLY A 227 -8.76 -3.83 -18.44
N LYS A 228 -9.60 -4.86 -18.29
CA LYS A 228 -10.04 -5.31 -16.97
C LYS A 228 -9.27 -6.54 -16.51
N VAL A 229 -8.23 -6.88 -17.26
CA VAL A 229 -7.26 -7.92 -16.90
C VAL A 229 -7.82 -9.35 -16.92
N GLY A 230 -8.57 -9.69 -15.87
CA GLY A 230 -9.19 -10.99 -15.72
C GLY A 230 -10.35 -10.75 -14.80
N ASP A 231 -11.46 -11.42 -15.05
CA ASP A 231 -12.65 -11.22 -14.25
C ASP A 231 -12.69 -12.10 -13.01
N ILE A 232 -12.89 -11.43 -11.88
CA ILE A 232 -12.96 -12.08 -10.59
C ILE A 232 -14.36 -12.65 -10.46
N LYS A 233 -14.44 -13.96 -10.40
CA LYS A 233 -15.74 -14.66 -10.42
C LYS A 233 -16.54 -14.79 -9.13
N GLY A 234 -15.89 -14.73 -7.99
CA GLY A 234 -16.60 -14.87 -6.73
C GLY A 234 -15.66 -14.71 -5.56
N ARG A 235 -16.21 -14.44 -4.39
CA ARG A 235 -15.41 -14.30 -3.20
C ARG A 235 -15.79 -15.25 -2.09
N THR A 236 -14.83 -15.52 -1.22
CA THR A 236 -15.04 -16.43 -0.12
C THR A 236 -15.79 -15.71 1.01
N GLU A 237 -16.20 -16.45 2.02
CA GLU A 237 -16.83 -15.86 3.20
C GLU A 237 -15.81 -14.87 3.82
N GLY A 238 -14.52 -15.11 3.61
CA GLY A 238 -13.50 -14.19 4.10
C GLY A 238 -13.23 -13.03 3.15
N LYS A 239 -13.99 -12.97 2.06
CA LYS A 239 -13.89 -11.91 1.01
C LYS A 239 -12.61 -11.99 0.18
N ARG A 240 -11.98 -13.16 0.15
CA ARG A 240 -10.79 -13.34 -0.68
C ARG A 240 -11.29 -13.84 -2.04
N VAL A 241 -10.48 -13.66 -3.08
CA VAL A 241 -10.89 -14.07 -4.42
C VAL A 241 -10.98 -15.58 -4.53
N LYS A 242 -12.09 -16.09 -5.07
CA LYS A 242 -12.28 -17.53 -5.23
C LYS A 242 -11.70 -18.02 -6.56
N ASP A 243 -12.16 -17.43 -7.67
CA ASP A 243 -11.72 -17.81 -9.02
C ASP A 243 -11.55 -16.61 -9.95
N VAL A 244 -10.64 -16.76 -10.90
CA VAL A 244 -10.40 -15.76 -11.92
C VAL A 244 -10.50 -16.42 -13.31
N ALA A 245 -11.17 -15.78 -14.26
CA ALA A 245 -11.28 -16.33 -15.62
C ALA A 245 -10.64 -15.43 -16.69
N PHE A 246 -9.86 -16.05 -17.57
CA PHE A 246 -9.26 -15.39 -18.71
C PHE A 246 -9.79 -16.20 -19.92
N GLN A 247 -9.57 -15.71 -21.13
CA GLN A 247 -10.05 -16.45 -22.32
C GLN A 247 -9.38 -17.84 -22.32
N GLY A 248 -10.20 -18.87 -22.12
CA GLY A 248 -9.74 -20.26 -22.16
C GLY A 248 -8.96 -20.78 -20.96
N LYS A 249 -8.92 -20.04 -19.86
CA LYS A 249 -8.21 -20.52 -18.69
C LYS A 249 -8.77 -19.90 -17.41
N THR A 250 -8.80 -20.68 -16.34
N THR A 250 -8.79 -20.71 -16.35
CA THR A 250 -9.26 -20.19 -15.05
CA THR A 250 -9.28 -20.29 -15.05
C THR A 250 -8.30 -20.65 -13.98
C THR A 250 -8.24 -20.66 -13.99
N LEU A 251 -8.12 -19.81 -12.98
CA LEU A 251 -7.21 -20.05 -11.88
C LEU A 251 -7.90 -19.63 -10.60
N THR A 252 -7.54 -20.29 -9.50
CA THR A 252 -8.09 -19.93 -8.21
C THR A 252 -7.32 -18.70 -7.77
N GLY A 253 -7.92 -17.92 -6.87
CA GLY A 253 -7.28 -16.73 -6.32
C GLY A 253 -5.99 -17.06 -5.60
N ARG A 254 -6.02 -18.21 -4.96
CA ARG A 254 -4.88 -18.69 -4.23
C ARG A 254 -3.73 -19.06 -5.18
N ASP A 255 -4.06 -19.58 -6.35
CA ASP A 255 -3.05 -19.93 -7.35
C ASP A 255 -2.47 -18.63 -7.98
N VAL A 256 -3.32 -17.61 -8.11
CA VAL A 256 -2.88 -16.32 -8.62
C VAL A 256 -1.92 -15.69 -7.58
N ARG A 257 -2.29 -15.77 -6.33
CA ARG A 257 -1.44 -15.23 -5.29
C ARG A 257 -0.05 -15.85 -5.35
N ASP A 258 0.02 -17.18 -5.49
CA ASP A 258 1.32 -17.88 -5.52
C ASP A 258 2.16 -17.55 -6.76
N LYS A 259 1.57 -17.65 -7.93
CA LYS A 259 2.27 -17.35 -9.18
C LYS A 259 2.77 -15.90 -9.32
N LEU A 260 2.06 -14.96 -8.70
CA LEU A 260 2.47 -13.58 -8.75
C LEU A 260 3.14 -13.13 -7.45
N GLU A 261 3.09 -13.98 -6.43
CA GLU A 261 3.64 -13.66 -5.10
C GLU A 261 2.93 -12.44 -4.48
N LEU A 262 1.61 -12.41 -4.64
CA LEU A 262 0.82 -11.32 -4.08
C LEU A 262 0.84 -11.32 -2.53
N ARG A 263 0.62 -10.15 -1.94
CA ARG A 263 0.58 -10.06 -0.49
C ARG A 263 -0.56 -10.93 0.07
N SER A 264 -1.67 -11.05 -0.66
CA SER A 264 -2.80 -11.85 -0.23
C SER A 264 -3.61 -12.25 -1.45
N SER A 265 -4.68 -13.01 -1.23
CA SER A 265 -5.55 -13.44 -2.29
C SER A 265 -6.82 -12.60 -2.33
N ASP A 266 -6.82 -11.47 -1.60
CA ASP A 266 -7.89 -10.46 -1.73
C ASP A 266 -7.27 -9.35 -2.57
N PHE A 267 -7.60 -9.32 -3.84
CA PHE A 267 -7.03 -8.34 -4.71
C PHE A 267 -8.02 -7.87 -5.75
N THR A 268 -7.72 -6.71 -6.33
CA THR A 268 -8.40 -6.15 -7.50
C THR A 268 -7.27 -5.72 -8.45
N TRP A 269 -7.57 -5.50 -9.70
CA TRP A 269 -6.55 -5.13 -10.63
C TRP A 269 -7.05 -4.32 -11.80
N LYS A 270 -6.12 -3.63 -12.46
CA LYS A 270 -6.41 -2.77 -13.59
C LYS A 270 -5.21 -2.66 -14.47
N GLN A 271 -5.44 -2.32 -15.73
CA GLN A 271 -4.37 -2.15 -16.67
C GLN A 271 -4.12 -0.66 -16.89
N GLU A 272 -2.85 -0.25 -16.79
CA GLU A 272 -2.41 1.13 -17.04
C GLU A 272 -1.39 1.02 -18.14
N GLY A 273 -1.75 1.35 -19.37
CA GLY A 273 -0.81 1.26 -20.47
C GLY A 273 -0.39 -0.18 -20.67
N ASP A 274 0.91 -0.46 -20.52
N ASP A 274 0.91 -0.44 -20.51
CA ASP A 274 1.42 -1.83 -20.68
CA ASP A 274 1.46 -1.79 -20.68
C ASP A 274 1.74 -2.50 -19.34
C ASP A 274 1.76 -2.47 -19.34
N LYS A 275 1.12 -2.00 -18.27
CA LYS A 275 1.31 -2.52 -16.94
C LYS A 275 -0.01 -2.91 -16.30
N ILE A 276 0.08 -3.88 -15.39
CA ILE A 276 -1.05 -4.36 -14.59
C ILE A 276 -0.78 -3.93 -13.16
N VAL A 277 -1.71 -3.17 -12.57
CA VAL A 277 -1.58 -2.68 -11.20
C VAL A 277 -2.55 -3.50 -10.33
N VAL A 278 -1.97 -4.25 -9.41
CA VAL A 278 -2.71 -5.11 -8.53
C VAL A 278 -2.67 -4.52 -7.14
N THR A 279 -3.86 -4.35 -6.59
CA THR A 279 -4.05 -3.76 -5.28
C THR A 279 -4.56 -4.84 -4.35
N THR A 280 -3.81 -5.12 -3.29
CA THR A 280 -4.20 -6.16 -2.35
C THR A 280 -4.64 -5.57 -1.02
N LYS A 281 -5.47 -6.31 -0.30
CA LYS A 281 -5.88 -5.99 1.06
C LYS A 281 -5.42 -7.19 1.89
N GLY A 282 -4.71 -6.91 2.98
CA GLY A 282 -4.18 -7.96 3.85
C GLY A 282 -2.78 -8.42 3.45
N PHE A 283 -2.21 -9.27 4.29
CA PHE A 283 -0.88 -9.85 4.07
C PHE A 283 -0.84 -11.20 4.76
N GLY A 284 -0.76 -12.28 3.98
CA GLY A 284 -0.75 -13.63 4.52
C GLY A 284 -1.96 -14.45 4.08
N HIS A 285 -1.95 -15.73 4.39
CA HIS A 285 -3.00 -16.66 3.94
C HIS A 285 -4.41 -16.38 4.51
N GLY A 286 -4.51 -15.66 5.64
CA GLY A 286 -5.83 -15.33 6.22
C GLY A 286 -6.51 -16.44 7.00
N VAL A 287 -5.79 -17.50 7.30
CA VAL A 287 -6.34 -18.64 8.04
C VAL A 287 -5.90 -18.58 9.49
N GLY A 288 -6.87 -18.61 10.40
CA GLY A 288 -6.55 -18.61 11.81
C GLY A 288 -6.40 -17.26 12.42
N SER A 290 -4.91 -13.53 13.02
CA SER A 290 -4.28 -12.33 12.45
C SER A 290 -3.35 -11.73 13.50
N GLN A 291 -2.08 -11.55 13.19
CA GLN A 291 -1.17 -10.93 14.16
C GLN A 291 -1.51 -9.48 14.47
N TYR A 292 -1.75 -8.68 13.43
CA TYR A 292 -2.19 -7.31 13.64
C TYR A 292 -3.54 -7.27 14.35
N GLY A 293 -4.41 -8.23 14.08
CA GLY A 293 -5.70 -8.30 14.75
C GLY A 293 -5.53 -8.54 16.25
N ALA A 294 -4.70 -9.53 16.60
CA ALA A 294 -4.42 -9.82 18.01
C ALA A 294 -3.89 -8.60 18.72
N ASN A 295 -3.03 -7.84 18.05
CA ASN A 295 -2.46 -6.64 18.66
C ASN A 295 -3.55 -5.58 18.89
N GLY A 296 -4.45 -5.46 17.92
CA GLY A 296 -5.58 -4.51 18.01
C GLY A 296 -6.49 -4.84 19.18
N ALA A 298 -5.57 -6.63 21.79
CA ALA A 298 -4.81 -6.36 23.00
C ALA A 298 -4.81 -4.87 23.33
N ALA A 299 -4.72 -4.01 22.32
CA ALA A 299 -4.78 -2.56 22.54
C ALA A 299 -6.14 -2.08 23.13
N GLU A 300 -7.22 -2.84 22.93
CA GLU A 300 -8.49 -2.45 23.51
C GLU A 300 -8.73 -3.15 24.86
N GLY A 301 -7.67 -3.75 25.41
CA GLY A 301 -7.72 -4.38 26.72
C GLY A 301 -7.91 -5.88 26.84
N LYS A 302 -8.06 -6.59 25.72
CA LYS A 302 -8.29 -8.02 25.81
C LYS A 302 -7.05 -8.84 26.13
N LYS A 303 -7.26 -9.97 26.80
CA LYS A 303 -6.20 -10.89 27.21
C LYS A 303 -5.95 -11.93 26.13
N TYR A 304 -4.84 -12.66 26.27
CA TYR A 304 -4.49 -13.66 25.26
C TYR A 304 -5.55 -14.74 25.07
N THR A 305 -6.24 -15.07 26.17
CA THR A 305 -7.32 -16.06 26.16
C THR A 305 -8.49 -15.60 25.32
N ASP A 306 -8.77 -14.31 25.37
CA ASP A 306 -9.85 -13.73 24.57
C ASP A 306 -9.44 -13.73 23.10
N ILE A 307 -8.18 -13.39 22.86
CA ILE A 307 -7.66 -13.32 21.48
C ILE A 307 -7.75 -14.67 20.80
N VAL A 308 -7.21 -15.70 21.43
CA VAL A 308 -7.25 -17.04 20.82
C VAL A 308 -8.68 -17.57 20.65
N ALA A 309 -9.58 -17.20 21.57
CA ALA A 309 -10.93 -17.67 21.53
C ALA A 309 -11.65 -17.04 20.36
N HIS A 310 -11.23 -15.83 20.01
CA HIS A 310 -11.85 -15.12 18.92
C HIS A 310 -11.46 -15.71 17.57
N TYR A 311 -10.17 -16.02 17.41
CA TYR A 311 -9.63 -16.55 16.13
C TYR A 311 -9.77 -18.06 15.92
N TYR A 312 -9.81 -18.85 16.99
CA TYR A 312 -9.97 -20.27 16.88
C TYR A 312 -11.27 -20.63 17.64
N LYS A 313 -12.35 -20.81 16.88
CA LYS A 313 -13.68 -21.06 17.47
C LYS A 313 -13.75 -22.37 18.22
N GLY A 314 -14.11 -22.30 19.51
CA GLY A 314 -14.23 -23.49 20.35
C GLY A 314 -12.90 -24.01 20.89
N VAL A 315 -11.81 -23.29 20.66
CA VAL A 315 -10.51 -23.75 21.14
C VAL A 315 -10.53 -23.83 22.66
N GLU A 316 -9.73 -24.77 23.19
CA GLU A 316 -9.58 -25.01 24.62
C GLU A 316 -8.09 -24.94 24.95
N ILE A 317 -7.74 -24.23 26.00
CA ILE A 317 -6.35 -24.16 26.38
C ILE A 317 -6.05 -25.27 27.39
N LYS A 318 -5.15 -26.16 27.00
CA LYS A 318 -4.72 -27.27 27.85
C LYS A 318 -3.26 -27.14 28.20
N THR A 319 -2.87 -27.90 29.21
CA THR A 319 -1.49 -28.00 29.64
C THR A 319 -0.99 -29.20 28.86
N ASN A 321 1.30 -31.37 29.83
CA ASN A 321 1.57 -32.53 30.71
C ASN A 321 0.62 -33.71 30.46
N ASP A 322 -0.64 -33.41 30.17
CA ASP A 322 -1.65 -34.45 29.89
C ASP A 322 -1.15 -35.50 28.89
N TYR A 323 -0.58 -35.01 27.80
CA TYR A 323 -0.09 -35.85 26.70
C TYR A 323 1.13 -36.67 27.09
N VAL B 55 -11.37 43.91 -34.22
CA VAL B 55 -11.51 42.48 -33.81
C VAL B 55 -12.87 42.20 -33.14
N TYR B 56 -13.56 41.15 -33.59
CA TYR B 56 -14.82 40.78 -33.00
C TYR B 56 -14.51 39.86 -31.80
N ARG B 57 -14.69 40.34 -30.57
CA ARG B 57 -14.39 39.52 -29.40
C ARG B 57 -15.58 38.80 -28.86
N GLU B 58 -15.39 37.51 -28.55
CA GLU B 58 -16.44 36.67 -28.03
C GLU B 58 -16.89 37.24 -26.72
N LYS B 59 -18.21 37.37 -26.54
CA LYS B 59 -18.72 37.99 -25.34
C LYS B 59 -18.63 37.05 -24.15
N GLN B 60 -18.97 35.78 -24.34
CA GLN B 60 -18.91 34.80 -23.26
C GLN B 60 -17.54 34.14 -23.15
N LYS B 61 -17.11 33.88 -21.92
CA LYS B 61 -15.84 33.23 -21.66
C LYS B 61 -15.96 31.78 -22.11
N LYS B 62 -15.21 31.41 -23.15
CA LYS B 62 -15.25 30.07 -23.70
C LYS B 62 -13.86 29.49 -23.79
N VAL B 63 -13.76 28.20 -23.47
CA VAL B 63 -12.50 27.48 -23.57
C VAL B 63 -12.85 26.24 -24.36
N GLU B 64 -12.12 26.03 -25.45
CA GLU B 64 -12.37 24.93 -26.38
C GLU B 64 -13.86 24.78 -26.73
N SER B 65 -14.49 25.91 -27.06
CA SER B 65 -15.90 25.97 -27.46
C SER B 65 -16.91 25.73 -26.34
N LEU B 66 -16.45 25.63 -25.09
CA LEU B 66 -17.38 25.38 -23.98
C LEU B 66 -17.45 26.53 -22.99
N PRO B 67 -18.63 26.74 -22.38
CA PRO B 67 -18.64 27.74 -21.35
C PRO B 67 -17.46 27.44 -20.42
N GLU B 69 -16.83 27.58 -17.27
CA GLU B 69 -17.09 26.75 -16.09
C GLU B 69 -17.37 25.30 -16.46
N GLU B 70 -18.01 25.08 -17.60
CA GLU B 70 -18.25 23.70 -18.04
C GLU B 70 -16.93 23.03 -18.32
N TYR B 71 -15.98 23.77 -18.88
CA TYR B 71 -14.68 23.20 -19.16
C TYR B 71 -13.95 22.82 -17.88
N VAL B 72 -14.11 23.64 -16.85
CA VAL B 72 -13.44 23.37 -15.61
C VAL B 72 -14.01 22.11 -14.98
N THR B 73 -15.31 21.89 -15.17
CA THR B 73 -15.94 20.68 -14.65
C THR B 73 -15.29 19.45 -15.27
N GLY B 74 -15.15 19.47 -16.60
CA GLY B 74 -14.51 18.38 -17.34
C GLY B 74 -13.09 18.06 -16.90
N VAL B 75 -12.30 19.10 -16.62
CA VAL B 75 -10.92 18.92 -16.13
C VAL B 75 -10.95 18.28 -14.75
N VAL B 76 -11.79 18.81 -13.86
CA VAL B 76 -11.91 18.25 -12.52
C VAL B 76 -12.34 16.77 -12.60
N ALA B 77 -13.36 16.49 -13.40
CA ALA B 77 -13.82 15.11 -13.57
C ALA B 77 -12.72 14.22 -14.13
N SER B 78 -11.81 14.76 -14.94
CA SER B 78 -10.74 13.96 -15.54
C SER B 78 -9.54 13.76 -14.63
N GLU B 79 -9.38 14.60 -13.61
CA GLU B 79 -8.21 14.56 -12.73
C GLU B 79 -8.39 14.00 -11.31
N ASN B 81 -10.89 11.62 -8.60
N ASN B 81 -10.89 11.65 -8.57
CA ASN B 81 -11.99 10.66 -8.44
CA ASN B 81 -11.94 10.67 -8.36
C ASN B 81 -13.22 11.35 -7.89
C ASN B 81 -13.23 11.33 -7.85
N ALA B 82 -14.37 11.01 -8.47
CA ALA B 82 -15.66 11.60 -8.09
C ALA B 82 -16.19 11.20 -6.72
N SER B 83 -15.70 10.09 -6.18
CA SER B 83 -16.14 9.63 -4.87
C SER B 83 -15.50 10.46 -3.75
N PHE B 84 -14.49 11.26 -4.10
CA PHE B 84 -13.82 12.13 -3.12
C PHE B 84 -14.77 13.10 -2.45
N GLU B 85 -14.28 13.69 -1.38
CA GLU B 85 -15.03 14.65 -0.61
C GLU B 85 -15.27 15.93 -1.40
N ILE B 86 -16.42 16.53 -1.15
CA ILE B 86 -16.83 17.75 -1.82
C ILE B 86 -15.83 18.88 -1.69
N GLU B 87 -15.26 19.06 -0.49
CA GLU B 87 -14.29 20.14 -0.32
C GLU B 87 -12.99 19.83 -1.09
N ALA B 88 -12.61 18.55 -1.20
CA ALA B 88 -11.44 18.17 -2.00
C ALA B 88 -11.70 18.52 -3.47
N LEU B 89 -12.90 18.20 -3.94
CA LEU B 89 -13.31 18.54 -5.28
C LEU B 89 -13.24 20.06 -5.54
N LYS B 90 -13.69 20.85 -4.57
CA LYS B 90 -13.65 22.29 -4.69
C LYS B 90 -12.20 22.78 -4.77
N ALA B 91 -11.30 22.16 -4.01
CA ALA B 91 -9.87 22.52 -4.08
C ALA B 91 -9.32 22.19 -5.48
N GLN B 92 -9.68 21.03 -6.00
CA GLN B 92 -9.25 20.65 -7.34
C GLN B 92 -9.78 21.67 -8.40
N ALA B 93 -10.99 22.19 -8.20
CA ALA B 93 -11.56 23.17 -9.12
C ALA B 93 -10.74 24.46 -9.17
N LEU B 94 -10.35 24.98 -8.01
CA LEU B 94 -9.51 26.15 -7.98
C LEU B 94 -8.18 25.92 -8.68
N ALA B 95 -7.60 24.74 -8.53
CA ALA B 95 -6.34 24.43 -9.20
C ALA B 95 -6.57 24.38 -10.71
N ALA B 96 -7.58 23.62 -11.11
CA ALA B 96 -7.94 23.48 -12.50
C ALA B 96 -8.32 24.85 -13.10
N ARG B 97 -9.17 25.60 -12.42
CA ARG B 97 -9.55 26.93 -12.93
C ARG B 97 -8.33 27.82 -13.04
N THR B 98 -7.39 27.72 -12.08
CA THR B 98 -6.19 28.54 -12.10
C THR B 98 -5.34 28.28 -13.34
N PHE B 99 -5.16 27.03 -13.73
CA PHE B 99 -4.36 26.76 -14.94
C PHE B 99 -5.04 27.27 -16.23
N VAL B 100 -6.36 27.16 -16.27
CA VAL B 100 -7.14 27.60 -17.45
C VAL B 100 -7.00 29.11 -17.66
N VAL B 101 -7.13 29.91 -16.62
N VAL B 101 -7.14 29.89 -16.61
CA VAL B 101 -7.01 31.37 -16.78
CA VAL B 101 -6.99 31.34 -16.71
C VAL B 101 -5.58 31.74 -17.22
C VAL B 101 -5.60 31.70 -17.22
N GLN B 102 -4.58 31.14 -16.59
CA GLN B 102 -3.20 31.41 -16.96
C GLN B 102 -3.01 31.05 -18.45
N ARG B 103 -3.56 29.91 -18.88
CA ARG B 103 -3.49 29.56 -20.31
C ARG B 103 -4.13 30.64 -21.18
N LEU B 105 -4.76 33.83 -20.48
CA LEU B 105 -4.11 35.13 -20.41
C LEU B 105 -2.74 35.18 -21.08
N SER B 106 -2.18 34.02 -21.42
CA SER B 106 -0.85 33.98 -22.06
C SER B 106 -0.89 33.63 -23.55
N GLY B 107 -2.03 33.79 -24.20
CA GLY B 107 -2.09 33.54 -25.64
C GLY B 107 -3.03 32.43 -26.10
N GLY B 108 -3.73 31.82 -25.15
CA GLY B 108 -4.68 30.77 -25.49
C GLY B 108 -4.07 29.41 -25.75
N LYS B 109 -2.78 29.25 -25.43
CA LYS B 109 -2.07 27.97 -25.63
C LYS B 109 -2.77 26.91 -24.80
N LYS B 110 -2.53 25.64 -25.11
CA LYS B 110 -3.19 24.56 -24.36
C LYS B 110 -2.32 23.86 -23.30
N ASN B 111 -1.02 24.19 -23.25
CA ASN B 111 -0.15 23.60 -22.24
C ASN B 111 -0.21 24.42 -20.96
N ASN B 112 -0.32 23.74 -19.83
CA ASN B 112 -0.35 24.38 -18.52
C ASN B 112 1.01 24.96 -18.11
N ALA B 113 1.00 26.05 -17.33
CA ALA B 113 2.22 26.69 -16.83
C ALA B 113 2.53 26.07 -15.48
N ASP B 114 2.94 24.80 -15.51
CA ASP B 114 3.20 24.03 -14.30
C ASP B 114 4.69 23.86 -14.15
N VAL B 115 5.21 24.02 -12.94
N VAL B 115 5.19 24.03 -12.92
CA VAL B 115 6.65 23.88 -12.73
CA VAL B 115 6.61 23.86 -12.64
C VAL B 115 7.10 22.42 -12.84
C VAL B 115 7.08 22.44 -12.85
N THR B 116 6.16 21.49 -12.72
CA THR B 116 6.46 20.08 -12.85
C THR B 116 6.37 19.66 -14.32
N ASP B 117 7.06 18.57 -14.66
CA ASP B 117 7.08 18.03 -16.02
C ASP B 117 5.73 17.43 -16.35
N THR B 118 5.02 18.01 -17.33
CA THR B 118 3.68 17.53 -17.70
C THR B 118 3.55 17.40 -19.23
N GLN B 122 -2.06 16.18 -20.20
CA GLN B 122 -3.22 15.55 -19.58
C GLN B 122 -4.21 15.01 -20.61
N VAL B 123 -5.24 14.33 -20.11
CA VAL B 123 -6.30 13.78 -20.95
C VAL B 123 -7.67 14.29 -20.48
N TYR B 124 -8.34 15.04 -21.34
CA TYR B 124 -9.67 15.54 -21.03
C TYR B 124 -10.62 14.41 -21.37
N LYS B 125 -11.23 13.79 -20.35
CA LYS B 125 -12.11 12.63 -20.59
C LYS B 125 -13.43 12.99 -21.23
N SER B 126 -13.81 12.18 -22.22
CA SER B 126 -15.05 12.40 -22.93
C SER B 126 -16.23 11.80 -22.20
N LYS B 127 -17.41 12.16 -22.68
CA LYS B 127 -18.68 11.68 -22.19
C LYS B 127 -18.76 10.17 -21.96
N GLU B 128 -18.51 9.40 -23.02
CA GLU B 128 -18.62 7.94 -22.93
C GLU B 128 -17.77 7.27 -21.87
N GLU B 129 -16.46 7.51 -21.91
CA GLU B 129 -15.58 6.88 -20.95
C GLU B 129 -15.94 7.29 -19.53
N LEU B 130 -16.60 8.44 -19.36
CA LEU B 130 -17.07 8.85 -18.03
C LEU B 130 -18.31 8.02 -17.61
N LYS B 131 -19.10 7.55 -18.57
CA LYS B 131 -20.24 6.69 -18.25
C LYS B 131 -19.78 5.26 -18.00
N LYS B 132 -18.81 4.82 -18.78
CA LYS B 132 -18.25 3.49 -18.59
C LYS B 132 -17.61 3.49 -17.22
N GLN B 133 -16.84 4.54 -16.97
CA GLN B 133 -16.12 4.69 -15.72
C GLN B 133 -17.01 4.89 -14.51
N TRP B 134 -18.12 5.60 -14.64
CA TRP B 134 -19.02 5.82 -13.50
C TRP B 134 -20.22 4.84 -13.43
N GLY B 135 -20.68 4.35 -14.58
CA GLY B 135 -21.81 3.40 -14.62
C GLY B 135 -23.14 4.05 -14.22
N ASN B 136 -23.83 3.44 -13.27
CA ASN B 136 -25.11 3.99 -12.78
C ASN B 136 -24.92 5.24 -11.90
N ASN B 137 -23.71 5.45 -11.39
CA ASN B 137 -23.38 6.64 -10.60
C ASN B 137 -23.02 7.87 -11.44
N TYR B 138 -23.26 7.81 -12.75
CA TYR B 138 -22.91 8.94 -13.61
C TYR B 138 -23.58 10.25 -13.20
N GLU B 139 -24.91 10.27 -13.17
CA GLU B 139 -25.66 11.49 -12.85
C GLU B 139 -25.29 12.06 -11.49
N ASN B 140 -25.21 11.19 -10.48
CA ASN B 140 -24.87 11.61 -9.13
C ASN B 140 -23.51 12.31 -9.11
N ASN B 141 -22.52 11.64 -9.70
CA ASN B 141 -21.16 12.17 -9.78
C ASN B 141 -21.04 13.45 -10.55
N LEU B 142 -21.71 13.52 -11.69
CA LEU B 142 -21.67 14.71 -12.53
C LEU B 142 -22.19 15.88 -11.73
N LYS B 143 -23.35 15.69 -11.11
CA LYS B 143 -23.99 16.70 -10.30
C LYS B 143 -23.06 17.19 -9.18
N LYS B 144 -22.42 16.26 -8.49
CA LYS B 144 -21.51 16.57 -7.38
C LYS B 144 -20.35 17.47 -7.82
N ILE B 145 -19.68 17.08 -8.91
CA ILE B 145 -18.58 17.88 -9.42
C ILE B 145 -19.07 19.24 -9.90
N GLU B 146 -20.16 19.27 -10.65
CA GLU B 146 -20.68 20.56 -11.16
C GLU B 146 -21.09 21.48 -10.01
N GLU B 147 -21.45 20.90 -8.87
CA GLU B 147 -21.75 21.74 -7.73
C GLU B 147 -20.42 22.31 -7.20
N ALA B 148 -19.40 21.47 -7.05
CA ALA B 148 -18.11 21.94 -6.53
C ALA B 148 -17.52 23.05 -7.37
N VAL B 149 -17.75 22.99 -8.66
CA VAL B 149 -17.28 24.03 -9.54
C VAL B 149 -18.14 25.29 -9.43
N SER B 150 -19.46 25.13 -9.45
CA SER B 150 -20.37 26.28 -9.37
C SER B 150 -20.16 27.05 -8.07
N LYS B 151 -19.98 26.34 -6.97
CA LYS B 151 -19.72 26.95 -5.65
C LYS B 151 -18.44 27.77 -5.60
N THR B 152 -17.53 27.57 -6.55
CA THR B 152 -16.29 28.35 -6.56
C THR B 152 -16.08 29.11 -7.88
N ALA B 153 -17.16 29.37 -8.61
CA ALA B 153 -17.09 30.05 -9.91
C ALA B 153 -16.19 31.27 -9.89
N GLY B 154 -15.35 31.40 -10.90
CA GLY B 154 -14.43 32.53 -10.99
C GLY B 154 -13.20 32.47 -10.08
N GLN B 155 -13.17 31.58 -9.11
CA GLN B 155 -12.04 31.53 -8.15
C GLN B 155 -10.77 30.88 -8.65
N VAL B 156 -9.65 31.55 -8.38
CA VAL B 156 -8.34 31.07 -8.74
C VAL B 156 -7.33 31.37 -7.66
N LEU B 157 -6.22 30.66 -7.71
CA LEU B 157 -5.17 30.79 -6.71
C LEU B 157 -4.07 31.68 -7.21
N THR B 158 -3.65 32.62 -6.38
CA THR B 158 -2.61 33.54 -6.75
C THR B 158 -1.56 33.75 -5.68
N TYR B 159 -0.46 34.34 -6.08
CA TYR B 159 0.58 34.74 -5.14
C TYR B 159 1.12 36.04 -5.70
N GLU B 160 1.11 37.07 -4.85
CA GLU B 160 1.53 38.43 -5.21
C GLU B 160 0.77 38.91 -6.45
N GLY B 161 -0.54 38.63 -6.44
CA GLY B 161 -1.42 39.08 -7.51
C GLY B 161 -1.39 38.27 -8.79
N LYS B 162 -0.48 37.30 -8.89
CA LYS B 162 -0.37 36.49 -10.11
C LYS B 162 -0.83 35.06 -9.90
N PRO B 163 -1.49 34.46 -10.92
CA PRO B 163 -1.89 33.08 -10.79
C PRO B 163 -0.67 32.17 -10.60
N ILE B 164 -0.78 31.16 -9.76
CA ILE B 164 0.32 30.27 -9.45
C ILE B 164 0.36 28.98 -10.28
N SER B 165 1.44 28.23 -10.12
CA SER B 165 1.53 26.89 -10.70
C SER B 165 0.82 26.04 -9.66
N ALA B 166 -0.47 25.79 -9.84
CA ALA B 166 -1.26 25.03 -8.89
C ALA B 166 -1.02 23.51 -9.07
N SER B 167 0.23 23.11 -8.95
CA SER B 167 0.61 21.74 -9.16
C SER B 167 -0.11 20.78 -8.22
N PHE B 168 -0.43 19.62 -8.71
CA PHE B 168 -1.10 18.66 -7.89
C PHE B 168 -0.67 17.27 -8.30
N PHE B 169 -0.87 16.35 -7.37
CA PHE B 169 -0.48 14.98 -7.60
C PHE B 169 -1.35 14.07 -6.73
N SER B 170 -1.35 12.81 -7.08
CA SER B 170 -2.19 11.82 -6.40
C SER B 170 -1.98 11.59 -4.93
N THR B 171 -0.82 11.03 -4.56
CA THR B 171 -0.55 10.64 -3.16
C THR B 171 0.89 10.97 -2.73
N SER B 172 1.07 11.58 -1.56
CA SER B 172 2.44 11.90 -1.09
C SER B 172 3.04 10.69 -0.40
N ASN B 173 4.33 10.78 -0.10
CA ASN B 173 5.04 9.78 0.70
C ASN B 173 4.99 10.19 2.21
N GLY B 174 4.15 11.19 2.53
CA GLY B 174 4.05 11.72 3.91
C GLY B 174 4.35 13.23 3.90
N ARG B 175 5.04 13.67 2.84
CA ARG B 175 5.40 15.05 2.66
C ARG B 175 5.36 15.53 1.21
N THR B 176 5.22 16.84 1.03
CA THR B 176 5.29 17.43 -0.30
C THR B 176 6.70 17.98 -0.49
N GLU B 177 6.99 18.45 -1.68
CA GLU B 177 8.31 18.93 -2.01
C GLU B 177 8.43 20.44 -2.14
N ASN B 178 9.58 20.96 -1.73
CA ASN B 178 9.92 22.34 -1.98
C ASN B 178 10.21 22.42 -3.48
N ALA B 179 9.72 23.44 -4.17
CA ALA B 179 10.00 23.59 -5.57
C ALA B 179 10.70 24.92 -5.82
N ALA B 180 11.57 24.95 -6.83
CA ALA B 180 12.37 26.09 -7.19
C ALA B 180 12.53 26.18 -8.72
N ASP B 181 12.88 27.37 -9.24
CA ASP B 181 13.08 27.52 -10.70
C ASP B 181 14.35 26.85 -11.12
N TYR B 182 14.64 26.88 -12.42
CA TYR B 182 15.83 26.27 -12.98
C TYR B 182 17.13 26.69 -12.26
N TRP B 183 17.18 27.95 -11.84
CA TRP B 183 18.38 28.51 -11.18
C TRP B 183 18.46 28.24 -9.68
N GLY B 184 17.37 27.72 -9.12
CA GLY B 184 17.30 27.41 -7.72
C GLY B 184 16.60 28.46 -6.89
N ASN B 185 15.88 29.38 -7.53
CA ASN B 185 15.15 30.42 -6.80
C ASN B 185 13.83 29.74 -6.39
N ASP B 186 13.52 29.76 -5.11
N ASP B 186 13.48 29.79 -5.12
CA ASP B 186 12.32 29.09 -4.59
CA ASP B 186 12.31 29.07 -4.66
C ASP B 186 10.98 29.68 -5.07
C ASP B 186 10.99 29.68 -5.08
N TYR B 187 10.01 28.81 -5.33
CA TYR B 187 8.67 29.24 -5.63
C TYR B 187 8.15 29.29 -4.19
N PRO B 188 7.89 30.49 -3.65
CA PRO B 188 7.51 30.62 -2.24
C PRO B 188 6.26 29.86 -1.82
N TYR B 189 5.34 29.62 -2.75
CA TYR B 189 4.11 28.94 -2.40
C TYR B 189 4.20 27.45 -2.55
N LEU B 190 5.35 26.94 -3.02
CA LEU B 190 5.56 25.50 -3.16
C LEU B 190 6.60 25.04 -2.15
N LYS B 191 6.17 24.94 -0.90
CA LYS B 191 7.04 24.52 0.17
C LYS B 191 6.67 23.11 0.66
N SER B 192 7.68 22.35 1.09
CA SER B 192 7.48 21.02 1.61
C SER B 192 6.63 21.09 2.87
N VAL B 193 5.49 20.41 2.87
CA VAL B 193 4.63 20.39 4.05
C VAL B 193 4.28 18.96 4.40
N ASP B 194 3.83 18.79 5.63
CA ASP B 194 3.42 17.52 6.14
C ASP B 194 2.08 17.14 5.47
N SER B 195 1.94 15.88 5.08
CA SER B 195 0.68 15.39 4.52
C SER B 195 0.46 13.94 5.02
N PRO B 196 0.14 13.79 6.32
CA PRO B 196 0.01 12.47 6.95
C PRO B 196 -1.22 11.65 6.55
N TRP B 197 -2.26 12.28 6.05
CA TRP B 197 -3.49 11.57 5.67
C TRP B 197 -3.23 10.57 4.58
N ASP B 198 -2.25 10.88 3.73
CA ASP B 198 -1.90 10.05 2.58
C ASP B 198 -1.57 8.59 2.90
N GLN B 199 -1.14 8.30 4.12
CA GLN B 199 -0.86 6.90 4.52
C GLN B 199 -2.03 5.96 4.26
N ALA B 200 -3.26 6.51 4.21
CA ALA B 200 -4.48 5.74 3.97
C ALA B 200 -4.86 5.59 2.49
N SER B 201 -4.08 6.15 1.59
CA SER B 201 -4.34 6.00 0.16
C SER B 201 -3.99 4.58 -0.29
N PRO B 202 -4.81 3.98 -1.16
CA PRO B 202 -4.43 2.65 -1.67
C PRO B 202 -3.18 2.74 -2.59
N LYS B 203 -2.74 3.95 -2.90
CA LYS B 203 -1.57 4.15 -3.76
C LYS B 203 -0.34 4.57 -2.97
N PHE B 204 -0.43 4.52 -1.65
CA PHE B 204 0.68 4.93 -0.77
C PHE B 204 1.91 4.08 -0.94
N THR B 205 1.74 2.77 -0.77
N THR B 205 1.77 2.77 -0.73
CA THR B 205 2.82 1.79 -0.87
CA THR B 205 2.90 1.82 -0.87
C THR B 205 2.76 1.00 -2.18
C THR B 205 2.79 0.98 -2.14
N SER B 206 3.91 0.80 -2.82
CA SER B 206 3.94 0.04 -4.03
C SER B 206 5.27 -0.68 -4.23
N GLU B 207 5.23 -1.71 -5.06
CA GLU B 207 6.39 -2.51 -5.35
C GLU B 207 6.39 -2.95 -6.80
N GLN B 208 7.53 -2.86 -7.45
CA GLN B 208 7.67 -3.35 -8.83
C GLN B 208 8.97 -4.06 -8.93
N ILE B 209 8.96 -5.22 -9.54
CA ILE B 209 10.16 -6.02 -9.66
C ILE B 209 10.66 -6.01 -11.08
N PHE B 210 11.94 -5.65 -11.26
CA PHE B 210 12.56 -5.61 -12.58
C PHE B 210 13.62 -6.70 -12.74
N THR B 211 13.84 -7.18 -13.96
CA THR B 211 14.96 -8.09 -14.18
C THR B 211 16.20 -7.18 -14.10
N VAL B 212 17.34 -7.76 -13.75
CA VAL B 212 18.58 -7.00 -13.68
C VAL B 212 18.91 -6.41 -15.06
N ALA B 213 18.72 -7.20 -16.13
CA ALA B 213 19.00 -6.72 -17.49
C ALA B 213 18.13 -5.54 -17.91
N ASP B 214 16.82 -5.59 -17.62
CA ASP B 214 15.92 -4.50 -18.00
C ASP B 214 16.24 -3.25 -17.15
N PHE B 215 16.51 -3.47 -15.89
CA PHE B 215 16.87 -2.40 -14.98
C PHE B 215 18.10 -1.66 -15.52
N GLN B 216 19.16 -2.41 -15.77
CA GLN B 216 20.39 -1.83 -16.28
C GLN B 216 20.21 -1.13 -17.62
N LYS B 217 19.46 -1.75 -18.52
CA LYS B 217 19.22 -1.15 -19.84
C LYS B 217 18.45 0.16 -19.70
N ARG B 218 17.35 0.15 -18.95
CA ARG B 218 16.56 1.38 -18.78
C ARG B 218 17.37 2.55 -18.27
N LEU B 219 18.28 2.29 -17.34
CA LEU B 219 19.10 3.32 -16.75
C LEU B 219 20.49 3.52 -17.33
N GLY B 220 20.97 2.59 -18.15
CA GLY B 220 22.32 2.70 -18.71
C GLY B 220 23.37 2.60 -17.59
N VAL B 221 23.17 1.65 -16.67
CA VAL B 221 24.10 1.47 -15.56
C VAL B 221 24.34 0.00 -15.26
N LYS B 222 25.29 -0.24 -14.35
CA LYS B 222 25.58 -1.60 -13.87
C LYS B 222 25.25 -1.50 -12.40
N VAL B 223 24.42 -2.40 -11.91
CA VAL B 223 24.05 -2.38 -10.50
C VAL B 223 25.28 -2.74 -9.66
N LEU B 224 25.24 -2.39 -8.39
CA LEU B 224 26.33 -2.68 -7.47
C LEU B 224 26.47 -4.18 -7.24
N ALA B 225 27.72 -4.58 -7.03
CA ALA B 225 28.07 -5.98 -6.81
C ALA B 225 27.59 -6.41 -5.43
N ASP B 226 27.48 -5.45 -4.50
CA ASP B 226 27.06 -5.80 -3.14
C ASP B 226 25.58 -6.19 -2.98
N GLY B 227 24.80 -6.06 -4.06
CA GLY B 227 23.39 -6.40 -4.01
C GLY B 227 22.49 -5.27 -3.54
N LYS B 228 23.05 -4.09 -3.27
CA LYS B 228 22.27 -2.94 -2.80
C LYS B 228 21.80 -2.04 -3.94
N VAL B 229 22.00 -2.51 -5.15
CA VAL B 229 21.56 -1.89 -6.36
C VAL B 229 22.27 -0.59 -6.74
N GLY B 230 22.02 0.46 -5.98
CA GLY B 230 22.61 1.76 -6.19
C GLY B 230 22.58 2.49 -4.86
N ASP B 231 23.62 3.24 -4.60
CA ASP B 231 23.76 3.98 -3.36
C ASP B 231 22.89 5.25 -3.42
N ILE B 232 21.82 5.29 -2.61
CA ILE B 232 20.96 6.47 -2.50
C ILE B 232 21.75 7.48 -1.67
N LYS B 233 22.11 8.62 -2.25
CA LYS B 233 23.02 9.61 -1.64
C LYS B 233 22.48 10.62 -0.64
N GLY B 234 21.21 10.92 -0.76
CA GLY B 234 20.57 11.86 0.13
C GLY B 234 19.11 12.02 -0.26
N ARG B 235 18.37 12.68 0.61
CA ARG B 235 16.96 12.93 0.40
C ARG B 235 16.61 14.38 0.53
N THR B 236 15.54 14.76 -0.13
CA THR B 236 15.07 16.14 -0.09
C THR B 236 14.32 16.39 1.21
N GLU B 237 13.84 17.60 1.40
CA GLU B 237 13.04 17.90 2.58
C GLU B 237 11.71 17.12 2.49
N GLY B 238 11.34 16.71 1.28
CA GLY B 238 10.15 15.89 1.10
C GLY B 238 10.43 14.39 1.25
N LYS B 239 11.70 14.04 1.49
N LYS B 239 11.69 14.01 1.50
CA LYS B 239 12.17 12.65 1.67
CA LYS B 239 12.08 12.61 1.70
C LYS B 239 12.17 11.82 0.40
C LYS B 239 12.19 11.81 0.40
N ARG B 240 12.32 12.51 -0.74
CA ARG B 240 12.43 11.85 -2.02
C ARG B 240 13.90 11.75 -2.29
N VAL B 241 14.27 10.84 -3.18
CA VAL B 241 15.66 10.59 -3.48
C VAL B 241 16.28 11.71 -4.31
N LYS B 242 17.38 12.28 -3.83
CA LYS B 242 18.09 13.32 -4.56
C LYS B 242 18.97 12.77 -5.68
N ASP B 243 19.88 11.86 -5.33
CA ASP B 243 20.82 11.28 -6.30
C ASP B 243 21.12 9.83 -5.93
N VAL B 244 21.58 9.08 -6.92
CA VAL B 244 21.91 7.69 -6.78
C VAL B 244 23.25 7.48 -7.44
N ALA B 245 24.16 6.75 -6.80
CA ALA B 245 25.45 6.43 -7.42
C ALA B 245 25.57 4.92 -7.68
N PHE B 246 25.83 4.57 -8.94
CA PHE B 246 26.05 3.18 -9.37
C PHE B 246 27.52 3.04 -9.69
N GLN B 247 27.92 1.96 -10.36
CA GLN B 247 29.35 1.80 -10.76
C GLN B 247 29.73 2.82 -11.83
N GLY B 248 30.53 3.82 -11.49
CA GLY B 248 30.97 4.83 -12.48
C GLY B 248 29.90 5.77 -13.10
N LYS B 249 28.74 5.90 -12.47
CA LYS B 249 27.70 6.78 -13.01
C LYS B 249 26.71 7.20 -11.95
N THR B 250 26.23 8.43 -12.06
N THR B 250 26.25 8.45 -12.02
CA THR B 250 25.27 8.99 -11.12
CA THR B 250 25.28 8.96 -11.05
C THR B 250 24.07 9.46 -11.87
C THR B 250 24.10 9.59 -11.77
N LEU B 251 22.91 9.34 -11.23
CA LEU B 251 21.66 9.83 -11.79
C LEU B 251 20.87 10.46 -10.67
N THR B 252 19.96 11.36 -11.03
CA THR B 252 19.09 11.97 -10.01
C THR B 252 17.91 11.08 -9.73
N GLY B 253 17.29 11.29 -8.58
CA GLY B 253 16.09 10.57 -8.21
C GLY B 253 14.96 10.73 -9.22
N ARG B 254 14.78 11.94 -9.73
CA ARG B 254 13.79 12.20 -10.79
C ARG B 254 14.11 11.49 -12.10
N ASP B 255 15.38 11.39 -12.43
CA ASP B 255 15.78 10.70 -13.64
C ASP B 255 15.50 9.19 -13.51
N VAL B 256 15.80 8.63 -12.35
CA VAL B 256 15.55 7.21 -12.11
C VAL B 256 14.04 6.96 -12.19
N ARG B 257 13.25 7.81 -11.53
CA ARG B 257 11.80 7.63 -11.60
C ARG B 257 11.33 7.61 -13.05
N ASP B 258 11.80 8.59 -13.83
CA ASP B 258 11.40 8.68 -15.25
C ASP B 258 11.78 7.49 -16.09
N LYS B 259 13.03 7.05 -15.97
CA LYS B 259 13.54 5.92 -16.77
C LYS B 259 12.97 4.55 -16.36
N LEU B 260 12.69 4.35 -15.08
CA LEU B 260 12.09 3.09 -14.65
C LEU B 260 10.56 3.22 -14.62
N GLU B 261 10.04 4.42 -14.84
CA GLU B 261 8.61 4.69 -14.81
C GLU B 261 8.04 4.30 -13.43
N LEU B 262 8.68 4.78 -12.36
CA LEU B 262 8.25 4.46 -11.03
C LEU B 262 7.04 5.31 -10.60
N ARG B 263 6.40 4.91 -9.51
CA ARG B 263 5.24 5.64 -8.94
C ARG B 263 5.70 6.97 -8.37
N SER B 264 6.91 7.03 -7.81
CA SER B 264 7.44 8.26 -7.28
C SER B 264 8.93 8.17 -7.20
N SER B 265 9.54 9.23 -6.70
CA SER B 265 10.98 9.28 -6.51
C SER B 265 11.36 9.05 -5.05
N ASP B 266 10.39 8.60 -4.25
CA ASP B 266 10.70 8.12 -2.91
C ASP B 266 10.79 6.59 -3.01
N PHE B 267 12.00 6.07 -3.22
CA PHE B 267 12.18 4.65 -3.36
C PHE B 267 13.35 4.07 -2.59
N THR B 268 13.23 2.78 -2.33
CA THR B 268 14.30 1.96 -1.79
C THR B 268 14.34 0.71 -2.72
N TRP B 269 15.45 -0.01 -2.70
CA TRP B 269 15.59 -1.18 -3.53
C TRP B 269 16.58 -2.20 -2.99
N LYS B 270 16.49 -3.38 -3.55
CA LYS B 270 17.28 -4.51 -3.10
C LYS B 270 17.39 -5.53 -4.22
N GLN B 271 18.58 -6.12 -4.41
CA GLN B 271 18.71 -7.17 -5.41
C GLN B 271 18.38 -8.55 -4.78
N GLU B 272 17.57 -9.35 -5.45
N GLU B 272 17.55 -9.32 -5.47
CA GLU B 272 17.20 -10.69 -4.99
CA GLU B 272 17.13 -10.67 -5.06
C GLU B 272 17.31 -11.58 -6.21
C GLU B 272 17.34 -11.56 -6.27
N GLY B 273 18.37 -12.39 -6.26
CA GLY B 273 18.66 -13.25 -7.39
C GLY B 273 19.01 -12.33 -8.55
N ASP B 274 18.36 -12.53 -9.68
CA ASP B 274 18.60 -11.73 -10.86
C ASP B 274 17.48 -10.71 -11.07
N LYS B 275 16.84 -10.28 -10.00
N LYS B 275 16.84 -10.28 -9.99
CA LYS B 275 15.78 -9.29 -10.10
CA LYS B 275 15.76 -9.32 -10.05
C LYS B 275 16.08 -8.18 -9.14
C LYS B 275 16.10 -8.18 -9.14
N ILE B 276 15.54 -7.00 -9.43
CA ILE B 276 15.69 -5.82 -8.59
C ILE B 276 14.29 -5.47 -8.11
N VAL B 277 14.09 -5.49 -6.81
CA VAL B 277 12.82 -5.20 -6.18
C VAL B 277 12.80 -3.74 -5.75
N VAL B 278 11.93 -2.97 -6.38
CA VAL B 278 11.81 -1.54 -6.11
C VAL B 278 10.55 -1.24 -5.31
N THR B 279 10.73 -0.56 -4.19
CA THR B 279 9.65 -0.20 -3.29
C THR B 279 9.54 1.31 -3.26
N THR B 280 8.33 1.81 -3.47
CA THR B 280 8.11 3.25 -3.52
C THR B 280 7.05 3.65 -2.52
N LYS B 281 7.06 4.92 -2.17
CA LYS B 281 6.04 5.51 -1.31
C LYS B 281 5.54 6.71 -2.07
N GLY B 282 4.22 6.83 -2.16
CA GLY B 282 3.60 7.92 -2.87
C GLY B 282 3.39 7.61 -4.34
N PHE B 283 2.61 8.47 -4.99
CA PHE B 283 2.33 8.36 -6.41
C PHE B 283 2.18 9.78 -6.96
N GLY B 284 3.13 10.17 -7.81
CA GLY B 284 3.11 11.50 -8.37
C GLY B 284 4.37 12.26 -8.01
N HIS B 285 4.45 13.49 -8.52
CA HIS B 285 5.67 14.28 -8.42
C HIS B 285 5.94 14.89 -7.04
N GLY B 286 4.90 15.03 -6.20
CA GLY B 286 5.06 15.56 -4.84
C GLY B 286 5.02 17.05 -4.66
N VAL B 287 4.84 17.77 -5.77
CA VAL B 287 4.81 19.23 -5.76
C VAL B 287 3.38 19.75 -5.63
N GLY B 288 3.18 20.64 -4.68
CA GLY B 288 1.91 21.27 -4.46
C GLY B 288 0.92 20.49 -3.59
N SER B 290 -1.54 17.42 -2.61
CA SER B 290 -1.81 16.00 -2.65
C SER B 290 -3.32 15.83 -2.77
N GLN B 291 -3.78 15.01 -3.73
CA GLN B 291 -5.20 14.78 -3.86
C GLN B 291 -5.76 13.93 -2.71
N TYR B 292 -5.07 12.85 -2.35
CA TYR B 292 -5.53 12.04 -1.23
C TYR B 292 -5.43 12.85 0.07
N GLY B 293 -4.44 13.75 0.15
CA GLY B 293 -4.24 14.60 1.29
C GLY B 293 -5.45 15.51 1.46
N ALA B 294 -5.80 16.21 0.39
CA ALA B 294 -6.96 17.09 0.41
C ALA B 294 -8.19 16.32 0.84
N ASN B 295 -8.34 15.10 0.34
CA ASN B 295 -9.52 14.30 0.72
C ASN B 295 -9.53 13.99 2.20
N GLY B 296 -8.38 13.59 2.72
CA GLY B 296 -8.24 13.30 4.13
C GLY B 296 -8.58 14.52 4.95
N ALA B 298 -10.49 17.02 4.04
CA ALA B 298 -11.92 17.21 3.87
C ALA B 298 -12.68 16.25 4.75
N ALA B 299 -12.19 15.01 4.82
CA ALA B 299 -12.87 14.02 5.66
C ALA B 299 -12.86 14.43 7.13
N GLU B 300 -11.83 15.15 7.57
CA GLU B 300 -11.81 15.51 8.96
C GLU B 300 -12.43 16.88 9.24
N GLY B 301 -13.23 17.38 8.30
CA GLY B 301 -13.97 18.61 8.48
C GLY B 301 -13.47 19.89 7.83
N LYS B 302 -12.32 19.86 7.19
CA LYS B 302 -11.76 21.09 6.60
C LYS B 302 -12.44 21.55 5.31
N LYS B 303 -12.46 22.87 5.11
CA LYS B 303 -12.99 23.53 3.91
C LYS B 303 -11.91 23.72 2.84
N TYR B 304 -12.32 23.97 1.59
CA TYR B 304 -11.33 24.09 0.48
C TYR B 304 -10.32 25.21 0.70
N THR B 305 -10.74 26.25 1.40
CA THR B 305 -9.86 27.36 1.75
C THR B 305 -8.69 26.87 2.63
N ASP B 306 -9.00 26.01 3.61
CA ASP B 306 -7.98 25.45 4.49
C ASP B 306 -7.06 24.52 3.72
N ILE B 307 -7.64 23.79 2.79
CA ILE B 307 -6.87 22.84 2.04
C ILE B 307 -5.83 23.54 1.21
N VAL B 308 -6.27 24.50 0.38
CA VAL B 308 -5.33 25.19 -0.53
C VAL B 308 -4.31 25.96 0.29
N ALA B 309 -4.75 26.51 1.42
CA ALA B 309 -3.84 27.26 2.29
C ALA B 309 -2.78 26.33 2.86
N HIS B 310 -3.12 25.05 3.07
CA HIS B 310 -2.15 24.10 3.62
C HIS B 310 -1.09 23.73 2.61
N TYR B 311 -1.52 23.42 1.38
CA TYR B 311 -0.61 23.00 0.33
C TYR B 311 0.13 24.11 -0.40
N TYR B 312 -0.50 25.29 -0.52
CA TYR B 312 0.18 26.40 -1.19
C TYR B 312 0.44 27.50 -0.16
N LYS B 313 1.67 27.53 0.35
CA LYS B 313 2.02 28.49 1.40
C LYS B 313 1.87 29.94 0.96
N GLY B 314 0.98 30.66 1.63
CA GLY B 314 0.76 32.07 1.35
C GLY B 314 -0.20 32.40 0.22
N VAL B 315 -0.79 31.38 -0.36
CA VAL B 315 -1.69 31.56 -1.49
C VAL B 315 -2.90 32.43 -1.16
N GLU B 316 -3.36 33.20 -2.15
N GLU B 316 -3.37 33.19 -2.15
CA GLU B 316 -4.51 34.08 -2.04
CA GLU B 316 -4.52 34.08 -1.98
C GLU B 316 -5.55 33.71 -3.07
C GLU B 316 -5.55 33.78 -3.06
N ILE B 317 -6.80 33.62 -2.66
CA ILE B 317 -7.88 33.32 -3.56
C ILE B 317 -8.42 34.63 -4.09
N LYS B 318 -8.51 34.71 -5.42
CA LYS B 318 -9.03 35.89 -6.09
C LYS B 318 -10.03 35.50 -7.17
N THR B 319 -10.83 36.47 -7.59
CA THR B 319 -11.77 36.25 -8.69
C THR B 319 -11.03 36.61 -9.99
N ASN B 321 -11.95 38.44 -12.50
CA ASN B 321 -12.18 39.83 -12.91
C ASN B 321 -10.99 40.78 -12.76
N ASP B 322 -10.07 40.49 -11.85
CA ASP B 322 -8.86 41.32 -11.66
C ASP B 322 -7.82 41.11 -12.77
N TYR B 323 -8.24 40.54 -13.90
CA TYR B 323 -7.34 40.29 -15.02
C TYR B 323 -8.05 40.64 -16.34
N GLU B 324 -8.46 41.90 -16.45
CA GLU B 324 -9.20 42.40 -17.62
C GLU B 324 -10.56 41.71 -17.78
N GLY B 325 -11.59 42.28 -17.15
CA GLY B 325 -12.93 41.73 -17.22
C GLY B 325 -13.07 40.45 -16.42
#